data_1DDF
#
_entry.id   1DDF
#
_cell.length_a   1.000
_cell.length_b   1.000
_cell.length_c   1.000
_cell.angle_alpha   90.00
_cell.angle_beta   90.00
_cell.angle_gamma   90.00
#
_symmetry.space_group_name_H-M   'P 1'
#
_entity_poly.entity_id   1
_entity_poly.type   'polypeptide(L)'
_entity_poly.pdbx_seq_one_letter_code
;METVAINLSDVDLSKYITTIAGVMTLSQVKGFVRKNGVNEAKIDEIKNDNVQDTAEQKVQLLRNWHQLHGKKEAYDTLIK
DLKKANLCTLAEKIQTIILKDITSDSENSNFRNEIQSLVLEHHHHHH
;
_entity_poly.pdbx_strand_id   A
#
# COMPACT_ATOMS: atom_id res chain seq x y z
N MET A 1 6.20 29.34 8.61
CA MET A 1 5.67 28.88 9.92
C MET A 1 5.69 27.36 9.98
N GLU A 2 6.79 26.75 9.55
CA GLU A 2 6.94 25.26 9.54
C GLU A 2 6.42 24.68 8.22
N THR A 3 5.63 25.43 7.49
CA THR A 3 5.10 24.92 6.18
C THR A 3 4.33 23.62 6.38
N VAL A 4 3.64 23.17 5.37
CA VAL A 4 2.86 21.90 5.50
C VAL A 4 3.77 20.79 5.99
N ALA A 5 3.30 19.98 6.90
CA ALA A 5 4.16 18.87 7.43
C ALA A 5 3.50 17.53 7.10
N ILE A 6 2.90 17.40 5.95
CA ILE A 6 2.24 16.11 5.58
C ILE A 6 1.05 15.86 6.51
N ASN A 7 0.16 15.00 6.10
CA ASN A 7 -1.03 14.71 6.95
C ASN A 7 -1.41 13.22 6.88
N LEU A 8 -0.57 12.39 6.30
CA LEU A 8 -0.92 10.94 6.22
C LEU A 8 -0.39 10.21 7.45
N SER A 9 -0.70 10.70 8.63
CA SER A 9 -0.21 10.04 9.86
C SER A 9 -1.01 8.75 10.11
N ASP A 10 -2.24 8.72 9.68
CA ASP A 10 -3.09 7.51 9.89
C ASP A 10 -3.19 6.74 8.57
N VAL A 11 -2.12 6.63 7.85
CA VAL A 11 -2.15 5.89 6.55
C VAL A 11 -2.71 4.48 6.78
N ASP A 12 -2.53 3.94 7.95
CA ASP A 12 -3.06 2.58 8.22
C ASP A 12 -2.49 1.61 7.19
N LEU A 13 -1.21 1.62 6.98
CA LEU A 13 -0.60 0.69 5.97
C LEU A 13 -0.96 -0.75 6.33
N SER A 14 -1.82 -1.37 5.58
CA SER A 14 -2.20 -2.77 5.86
C SER A 14 -3.33 -3.20 4.93
N LYS A 15 -4.21 -2.30 4.59
CA LYS A 15 -5.34 -2.64 3.68
C LYS A 15 -4.93 -2.38 2.23
N TYR A 16 -3.98 -1.50 2.01
CA TYR A 16 -3.56 -1.22 0.61
C TYR A 16 -2.51 -2.24 0.14
N ILE A 17 -2.08 -3.12 1.00
CA ILE A 17 -1.07 -4.14 0.57
C ILE A 17 -1.69 -5.10 -0.43
N THR A 18 -2.96 -5.39 -0.28
CA THR A 18 -3.63 -6.32 -1.23
C THR A 18 -4.03 -5.56 -2.50
N THR A 19 -4.75 -4.49 -2.35
CA THR A 19 -5.17 -3.68 -3.55
C THR A 19 -3.93 -3.22 -4.33
N ILE A 20 -2.79 -3.16 -3.68
CA ILE A 20 -1.56 -2.70 -4.39
C ILE A 20 -0.99 -3.84 -5.24
N ALA A 21 -0.79 -4.99 -4.63
CA ALA A 21 -0.24 -6.14 -5.40
C ALA A 21 -1.05 -6.39 -6.66
N GLY A 22 -2.30 -6.02 -6.66
CA GLY A 22 -3.15 -6.24 -7.87
C GLY A 22 -2.49 -5.58 -9.10
N VAL A 23 -2.05 -4.36 -8.97
CA VAL A 23 -1.42 -3.67 -10.12
C VAL A 23 0.09 -3.99 -10.18
N MET A 24 0.67 -4.44 -9.10
CA MET A 24 2.12 -4.77 -9.13
C MET A 24 2.32 -6.15 -9.77
N THR A 25 3.55 -6.51 -10.01
CA THR A 25 3.83 -7.84 -10.64
C THR A 25 4.48 -8.76 -9.62
N LEU A 26 4.81 -9.96 -10.01
CA LEU A 26 5.44 -10.91 -9.05
C LEU A 26 6.95 -10.64 -9.00
N SER A 27 7.57 -10.36 -10.12
CA SER A 27 9.03 -10.10 -10.11
C SER A 27 9.27 -8.71 -9.53
N GLN A 28 8.37 -7.80 -9.75
CA GLN A 28 8.54 -6.43 -9.21
C GLN A 28 8.42 -6.49 -7.67
N VAL A 29 7.32 -6.99 -7.18
CA VAL A 29 7.13 -7.07 -5.71
C VAL A 29 8.26 -7.93 -5.12
N LYS A 30 8.76 -8.87 -5.87
CA LYS A 30 9.85 -9.74 -5.35
C LYS A 30 11.05 -8.87 -4.97
N GLY A 31 11.66 -8.25 -5.93
CA GLY A 31 12.85 -7.39 -5.64
C GLY A 31 12.47 -6.30 -4.61
N PHE A 32 11.21 -5.99 -4.47
CA PHE A 32 10.81 -4.94 -3.50
C PHE A 32 11.03 -5.42 -2.06
N VAL A 33 10.23 -6.33 -1.59
CA VAL A 33 10.39 -6.84 -0.20
C VAL A 33 11.82 -7.32 0.04
N ARG A 34 12.37 -8.08 -0.87
CA ARG A 34 13.77 -8.57 -0.67
C ARG A 34 14.71 -7.38 -0.49
N LYS A 35 14.44 -6.29 -1.17
CA LYS A 35 15.33 -5.11 -1.04
C LYS A 35 14.74 -4.13 -0.02
N ASN A 36 14.19 -4.64 1.05
CA ASN A 36 13.61 -3.73 2.09
C ASN A 36 13.86 -4.31 3.49
N GLY A 37 14.89 -5.09 3.65
CA GLY A 37 15.19 -5.67 4.98
C GLY A 37 14.15 -6.75 5.33
N VAL A 38 13.61 -7.42 4.35
CA VAL A 38 12.61 -8.49 4.63
C VAL A 38 13.29 -9.85 4.64
N ASN A 39 14.56 -9.89 4.93
CA ASN A 39 15.29 -11.19 4.95
C ASN A 39 15.34 -11.77 3.54
N GLU A 40 16.52 -12.09 3.06
CA GLU A 40 16.63 -12.67 1.70
C GLU A 40 16.21 -14.13 1.74
N ALA A 41 16.54 -14.82 2.81
CA ALA A 41 16.15 -16.25 2.93
C ALA A 41 14.63 -16.36 2.93
N LYS A 42 13.96 -15.43 3.53
CA LYS A 42 12.48 -15.48 3.57
C LYS A 42 11.94 -15.44 2.14
N ILE A 43 12.36 -14.48 1.36
CA ILE A 43 11.86 -14.41 -0.04
C ILE A 43 12.29 -15.67 -0.80
N ASP A 44 13.35 -16.31 -0.37
CA ASP A 44 13.79 -17.55 -1.07
C ASP A 44 12.66 -18.57 -1.04
N GLU A 45 12.04 -18.75 0.10
CA GLU A 45 10.92 -19.73 0.19
C GLU A 45 9.74 -19.20 -0.63
N ILE A 46 9.50 -17.92 -0.58
CA ILE A 46 8.36 -17.35 -1.37
C ILE A 46 8.74 -17.26 -2.85
N LYS A 47 9.96 -17.58 -3.21
CA LYS A 47 10.36 -17.50 -4.64
C LYS A 47 10.08 -18.84 -5.33
N ASN A 48 10.71 -19.89 -4.87
CA ASN A 48 10.48 -21.23 -5.49
C ASN A 48 9.05 -21.69 -5.25
N ASP A 49 8.46 -21.26 -4.15
CA ASP A 49 7.06 -21.67 -3.86
C ASP A 49 6.14 -21.28 -5.02
N ASN A 50 6.53 -20.32 -5.81
CA ASN A 50 5.67 -19.91 -6.96
C ASN A 50 6.53 -19.24 -8.03
N VAL A 51 7.34 -20.01 -8.70
CA VAL A 51 8.21 -19.44 -9.77
C VAL A 51 7.34 -18.89 -10.90
N GLN A 52 6.16 -19.40 -11.08
CA GLN A 52 5.29 -18.89 -12.18
C GLN A 52 3.87 -18.67 -11.66
N ASP A 53 3.72 -17.88 -10.64
CA ASP A 53 2.36 -17.63 -10.09
C ASP A 53 2.26 -16.17 -9.64
N THR A 54 1.49 -15.37 -10.33
CA THR A 54 1.36 -13.94 -9.95
C THR A 54 -0.09 -13.64 -9.53
N ALA A 55 -0.80 -14.62 -9.05
CA ALA A 55 -2.21 -14.38 -8.62
C ALA A 55 -2.20 -13.76 -7.22
N GLU A 56 -2.02 -14.56 -6.20
CA GLU A 56 -2.00 -14.01 -4.81
C GLU A 56 -0.55 -13.84 -4.34
N GLN A 57 0.38 -14.48 -5.00
CA GLN A 57 1.81 -14.36 -4.59
C GLN A 57 2.19 -12.88 -4.51
N LYS A 58 1.56 -12.05 -5.29
CA LYS A 58 1.90 -10.61 -5.24
C LYS A 58 1.64 -10.08 -3.83
N VAL A 59 0.47 -10.33 -3.29
CA VAL A 59 0.17 -9.84 -1.92
C VAL A 59 0.91 -10.71 -0.88
N GLN A 60 1.48 -11.82 -1.28
CA GLN A 60 2.20 -12.66 -0.30
C GLN A 60 3.53 -11.99 0.05
N LEU A 61 4.26 -11.57 -0.94
CA LEU A 61 5.56 -10.89 -0.70
C LEU A 61 5.30 -9.51 -0.09
N LEU A 62 4.47 -8.72 -0.71
CA LEU A 62 4.17 -7.36 -0.19
C LEU A 62 3.74 -7.46 1.28
N ARG A 63 2.79 -8.30 1.57
CA ARG A 63 2.31 -8.44 2.97
C ARG A 63 3.46 -8.87 3.89
N ASN A 64 4.33 -9.72 3.43
CA ASN A 64 5.46 -10.16 4.29
C ASN A 64 6.28 -8.94 4.70
N TRP A 65 6.37 -7.98 3.84
CA TRP A 65 7.14 -6.75 4.18
C TRP A 65 6.30 -5.82 5.05
N HIS A 66 4.99 -5.90 4.95
CA HIS A 66 4.13 -5.01 5.77
C HIS A 66 4.35 -5.32 7.25
N GLN A 67 4.21 -6.56 7.63
CA GLN A 67 4.42 -6.93 9.06
C GLN A 67 5.81 -6.49 9.50
N LEU A 68 6.74 -6.44 8.59
CA LEU A 68 8.13 -6.02 8.95
C LEU A 68 8.09 -4.67 9.67
N HIS A 69 7.63 -3.65 9.00
CA HIS A 69 7.57 -2.31 9.65
C HIS A 69 6.23 -2.15 10.38
N GLY A 70 5.21 -1.66 9.71
CA GLY A 70 3.89 -1.50 10.39
C GLY A 70 4.06 -0.72 11.69
N LYS A 71 3.99 0.58 11.62
CA LYS A 71 4.15 1.39 12.87
C LYS A 71 3.81 2.85 12.58
N LYS A 72 4.72 3.60 12.00
CA LYS A 72 4.43 5.03 11.71
C LYS A 72 5.04 5.41 10.35
N GLU A 73 4.33 6.16 9.56
CA GLU A 73 4.87 6.56 8.24
C GLU A 73 5.28 5.32 7.45
N ALA A 74 4.66 4.20 7.70
CA ALA A 74 5.02 2.96 6.98
C ALA A 74 4.74 3.15 5.48
N TYR A 75 3.77 3.95 5.14
CA TYR A 75 3.45 4.17 3.71
C TYR A 75 4.64 4.85 3.03
N ASP A 76 5.36 5.67 3.75
CA ASP A 76 6.53 6.37 3.14
C ASP A 76 7.63 5.35 2.82
N THR A 77 7.67 4.25 3.53
CA THR A 77 8.71 3.22 3.26
C THR A 77 8.31 2.40 2.05
N LEU A 78 7.03 2.22 1.84
CA LEU A 78 6.56 1.43 0.67
C LEU A 78 6.82 2.21 -0.61
N ILE A 79 6.61 3.50 -0.58
CA ILE A 79 6.83 4.33 -1.80
C ILE A 79 8.32 4.61 -1.99
N LYS A 80 8.93 5.29 -1.05
CA LYS A 80 10.37 5.61 -1.17
C LYS A 80 11.19 4.35 -1.46
N ASP A 81 10.95 3.28 -0.73
CA ASP A 81 11.72 2.03 -0.98
C ASP A 81 11.36 1.45 -2.35
N LEU A 82 10.12 1.49 -2.73
CA LEU A 82 9.72 0.93 -4.05
C LEU A 82 10.57 1.59 -5.14
N LYS A 83 10.95 2.82 -4.94
CA LYS A 83 11.79 3.52 -5.96
C LYS A 83 13.25 3.16 -5.77
N LYS A 84 13.65 2.89 -4.55
CA LYS A 84 15.07 2.52 -4.28
C LYS A 84 15.32 1.04 -4.61
N ALA A 85 14.30 0.29 -4.96
CA ALA A 85 14.52 -1.15 -5.28
C ALA A 85 14.62 -1.32 -6.79
N ASN A 86 15.11 -0.33 -7.49
CA ASN A 86 15.24 -0.45 -8.96
C ASN A 86 13.86 -0.69 -9.59
N LEU A 87 12.92 0.16 -9.31
CA LEU A 87 11.56 -0.03 -9.90
C LEU A 87 11.02 1.32 -10.39
N CYS A 88 10.79 2.23 -9.50
CA CYS A 88 10.27 3.57 -9.91
C CYS A 88 9.00 3.39 -10.75
N THR A 89 8.26 2.34 -10.50
CA THR A 89 7.01 2.10 -11.29
C THR A 89 5.91 1.60 -10.35
N LEU A 90 6.23 0.66 -9.49
CA LEU A 90 5.19 0.13 -8.56
C LEU A 90 4.71 1.25 -7.63
N ALA A 91 5.63 1.97 -7.05
CA ALA A 91 5.24 3.08 -6.12
C ALA A 91 4.28 4.05 -6.81
N GLU A 92 4.26 4.09 -8.12
CA GLU A 92 3.35 5.03 -8.81
C GLU A 92 1.90 4.53 -8.71
N LYS A 93 1.63 3.34 -9.19
CA LYS A 93 0.25 2.80 -9.12
C LYS A 93 -0.27 2.87 -7.68
N ILE A 94 0.49 2.40 -6.74
CA ILE A 94 0.03 2.46 -5.32
C ILE A 94 -0.18 3.92 -4.92
N GLN A 95 0.63 4.81 -5.43
CA GLN A 95 0.47 6.25 -5.08
C GLN A 95 -0.96 6.68 -5.41
N THR A 96 -1.50 6.16 -6.49
CA THR A 96 -2.89 6.53 -6.87
C THR A 96 -3.89 5.84 -5.93
N ILE A 97 -3.58 4.64 -5.49
CA ILE A 97 -4.52 3.93 -4.57
C ILE A 97 -4.74 4.76 -3.30
N ILE A 98 -3.69 5.05 -2.58
CA ILE A 98 -3.84 5.85 -1.34
C ILE A 98 -4.43 7.22 -1.67
N LEU A 99 -3.99 7.84 -2.73
CA LEU A 99 -4.54 9.17 -3.10
C LEU A 99 -6.06 9.08 -3.20
N LYS A 100 -6.57 7.94 -3.59
CA LYS A 100 -8.04 7.78 -3.72
C LYS A 100 -8.66 7.60 -2.33
N ASP A 101 -7.99 6.87 -1.47
CA ASP A 101 -8.54 6.66 -0.09
C ASP A 101 -8.85 8.02 0.55
N ILE A 102 -7.87 8.87 0.64
CA ILE A 102 -8.10 10.21 1.26
C ILE A 102 -8.99 11.04 0.33
N THR A 103 -8.90 10.81 -0.95
CA THR A 103 -9.75 11.58 -1.90
C THR A 103 -10.95 10.74 -2.32
N SER A 104 -11.45 9.94 -1.42
CA SER A 104 -12.63 9.09 -1.76
C SER A 104 -13.93 9.77 -1.33
N ASP A 105 -13.92 11.07 -1.26
CA ASP A 105 -15.16 11.80 -0.85
C ASP A 105 -15.88 12.30 -2.10
N SER A 106 -15.76 11.61 -3.19
CA SER A 106 -16.44 12.06 -4.45
C SER A 106 -16.28 10.98 -5.52
N GLU A 107 -15.12 10.39 -5.62
CA GLU A 107 -14.89 9.34 -6.64
C GLU A 107 -14.93 7.95 -6.00
N ASN A 108 -15.50 7.84 -4.84
CA ASN A 108 -15.58 6.52 -4.16
C ASN A 108 -17.03 6.25 -3.73
N SER A 109 -17.23 5.36 -2.80
CA SER A 109 -18.62 5.07 -2.36
C SER A 109 -18.57 4.12 -1.16
N ASN A 110 -17.86 4.47 -0.12
CA ASN A 110 -17.78 3.59 1.07
C ASN A 110 -17.59 4.45 2.33
N PHE A 111 -18.53 5.32 2.61
CA PHE A 111 -18.40 6.19 3.82
C PHE A 111 -19.66 6.04 4.67
N ARG A 112 -20.81 6.03 4.04
CA ARG A 112 -22.07 5.90 4.81
C ARG A 112 -22.38 4.42 5.03
N ASN A 113 -21.66 3.78 5.91
CA ASN A 113 -21.91 2.34 6.18
C ASN A 113 -22.83 2.20 7.39
N GLU A 114 -23.99 1.62 7.21
CA GLU A 114 -24.95 1.46 8.34
C GLU A 114 -25.46 2.84 8.77
N ILE A 115 -25.71 3.70 7.83
CA ILE A 115 -26.21 5.06 8.17
C ILE A 115 -27.11 5.57 7.04
N GLN A 116 -26.68 5.43 5.81
CA GLN A 116 -27.52 5.89 4.66
C GLN A 116 -26.79 5.60 3.34
N SER A 117 -26.00 6.51 2.82
CA SER A 117 -25.28 6.23 1.54
C SER A 117 -24.48 7.47 1.10
N LEU A 118 -25.13 8.58 0.91
CA LEU A 118 -24.40 9.82 0.46
C LEU A 118 -23.42 10.28 1.57
N VAL A 119 -23.24 11.56 1.76
CA VAL A 119 -22.28 12.03 2.81
C VAL A 119 -22.74 13.38 3.35
N LEU A 120 -22.78 13.55 4.64
CA LEU A 120 -23.22 14.85 5.23
C LEU A 120 -23.32 14.72 6.75
N GLU A 121 -24.18 13.87 7.22
CA GLU A 121 -24.32 13.71 8.71
C GLU A 121 -23.00 13.21 9.31
N HIS A 122 -22.73 11.94 9.22
CA HIS A 122 -21.46 11.41 9.80
C HIS A 122 -20.27 12.04 9.06
N HIS A 123 -19.57 12.93 9.70
CA HIS A 123 -18.41 13.58 9.03
C HIS A 123 -17.66 14.45 10.06
N HIS A 124 -16.86 15.37 9.60
CA HIS A 124 -16.11 16.24 10.54
C HIS A 124 -16.43 17.71 10.24
N HIS A 125 -16.51 18.06 8.98
CA HIS A 125 -16.81 19.47 8.63
C HIS A 125 -17.28 19.55 7.18
N HIS A 126 -16.63 18.85 6.30
CA HIS A 126 -17.04 18.88 4.87
C HIS A 126 -18.52 18.50 4.75
N HIS A 127 -19.22 19.07 3.80
CA HIS A 127 -20.66 18.75 3.65
C HIS A 127 -20.81 17.31 3.14
#